data_8GLR
#
_entry.id   8GLR
#
_cell.length_a   53.680
_cell.length_b   75.223
_cell.length_c   82.837
_cell.angle_alpha   90.00
_cell.angle_beta   90.00
_cell.angle_gamma   90.00
#
_symmetry.space_group_name_H-M   'P 21 21 2'
#
loop_
_entity.id
_entity.type
_entity.pdbx_description
1 polymer 'SIS domain-containing protein'
2 non-polymer GLYCEROL
3 water water
#
_entity_poly.entity_id   1
_entity_poly.type   'polypeptide(L)'
_entity_poly.pdbx_seq_one_letter_code
;MLGFNQDEYLTSAREIIAARQKAEQVADEIYQAGFSSLFFASVGGSLAPMMAINEFAKELTTLPVYVEQAAELIHKGNKR
LNKDSVVITLSKSGDTKESVAIAEWCKAQGIRVVAITKNADSPLAQAATWHIPMRHKNGVEYEYMLLYWLFFRVLSRNNE
FTSYDRFASQLEILTANLLKAKQKFDPQADAIASRYHNSDYMMWVGGAEMWGEVYLFSMCILEEMQWKRTRPVSSAEFFH
GALELLEKDVPLILVKGEGKCRALDERVERFASKITDNLVVIDPKAYALDGIDDEFRWIMAPCVVSTLLVDRLAAHFEKY
TGHSLDIRRYYRQFDY
;
_entity_poly.pdbx_strand_id   A
#
loop_
_chem_comp.id
_chem_comp.type
_chem_comp.name
_chem_comp.formula
GOL non-polymer GLYCEROL 'C3 H8 O3'
#
# COMPACT_ATOMS: atom_id res chain seq x y z
N SER A 12 16.61 -9.63 -9.62
CA SER A 12 17.94 -9.26 -10.15
C SER A 12 18.15 -7.75 -10.06
N ALA A 13 19.40 -7.34 -9.83
CA ALA A 13 19.83 -5.95 -9.58
C ALA A 13 19.50 -5.09 -10.81
N ARG A 14 19.58 -5.70 -12.00
CA ARG A 14 19.55 -5.00 -13.32
C ARG A 14 18.11 -4.58 -13.62
N GLU A 15 17.16 -5.49 -13.34
CA GLU A 15 15.69 -5.24 -13.38
C GLU A 15 15.37 -4.06 -12.45
N ILE A 16 15.86 -4.11 -11.21
CA ILE A 16 15.60 -3.09 -10.17
C ILE A 16 16.12 -1.73 -10.65
N ILE A 17 17.35 -1.65 -11.14
CA ILE A 17 17.98 -0.34 -11.55
C ILE A 17 17.16 0.24 -12.71
N ALA A 18 16.71 -0.63 -13.64
CA ALA A 18 15.92 -0.24 -14.84
C ALA A 18 14.55 0.32 -14.38
N ALA A 19 13.87 -0.38 -13.48
CA ALA A 19 12.60 0.06 -12.87
C ALA A 19 12.79 1.46 -12.23
N ARG A 20 13.85 1.65 -11.43
CA ARG A 20 14.13 2.94 -10.76
C ARG A 20 14.28 4.04 -11.82
N GLN A 21 15.03 3.76 -12.88
CA GLN A 21 15.37 4.74 -13.95
C GLN A 21 14.07 5.19 -14.64
N LYS A 22 13.20 4.25 -14.95
CA LYS A 22 11.94 4.61 -15.65
C LYS A 22 11.06 5.52 -14.76
N ALA A 23 10.89 5.17 -13.49
CA ALA A 23 10.06 5.94 -12.55
C ALA A 23 10.65 7.32 -12.39
N GLU A 24 11.97 7.38 -12.24
CA GLU A 24 12.67 8.67 -12.08
C GLU A 24 12.48 9.50 -13.35
N GLN A 25 12.54 8.89 -14.52
CA GLN A 25 12.36 9.67 -15.78
C GLN A 25 10.95 10.29 -15.83
N VAL A 26 9.92 9.54 -15.42
CA VAL A 26 8.53 10.06 -15.35
C VAL A 26 8.48 11.23 -14.38
N ALA A 27 9.01 11.06 -13.17
CA ALA A 27 9.03 12.10 -12.13
C ALA A 27 9.66 13.38 -12.71
N ASP A 28 10.82 13.25 -13.33
CA ASP A 28 11.59 14.37 -13.92
C ASP A 28 10.78 15.06 -15.01
N GLU A 29 10.17 14.30 -15.90
CA GLU A 29 9.33 14.92 -16.97
C GLU A 29 8.14 15.65 -16.36
N ILE A 30 7.49 15.07 -15.32
CA ILE A 30 6.35 15.73 -14.65
C ILE A 30 6.84 17.04 -14.05
N TYR A 31 7.95 17.01 -13.34
CA TYR A 31 8.48 18.16 -12.61
C TYR A 31 8.87 19.23 -13.64
N GLN A 32 9.56 18.80 -14.69
CA GLN A 32 10.09 19.73 -15.75
C GLN A 32 8.93 20.38 -16.53
N ALA A 33 7.86 19.64 -16.82
CA ALA A 33 6.66 20.16 -17.51
C ALA A 33 5.92 21.15 -16.60
N GLY A 34 5.89 20.86 -15.31
CA GLY A 34 5.07 21.63 -14.36
C GLY A 34 3.74 20.94 -14.12
N PHE A 35 3.19 21.12 -12.93
CA PHE A 35 1.88 20.54 -12.56
C PHE A 35 1.28 21.34 -11.41
N SER A 36 -0.03 21.20 -11.26
CA SER A 36 -0.82 21.85 -10.20
C SER A 36 -0.94 20.86 -9.04
N SER A 37 -1.80 19.87 -9.20
CA SER A 37 -2.05 18.87 -8.14
C SER A 37 -1.67 17.49 -8.64
N LEU A 38 -1.37 16.59 -7.72
CA LEU A 38 -1.15 15.15 -8.02
C LEU A 38 -2.30 14.41 -7.36
N PHE A 39 -3.08 13.69 -8.15
CA PHE A 39 -4.19 12.81 -7.71
C PHE A 39 -3.80 11.37 -8.01
N PHE A 40 -3.63 10.60 -6.95
CA PHE A 40 -3.50 9.11 -6.93
C PHE A 40 -4.91 8.56 -6.89
N ALA A 41 -5.36 7.99 -8.00
CA ALA A 41 -6.75 7.52 -8.15
C ALA A 41 -6.78 6.02 -8.45
N SER A 42 -7.48 5.23 -7.63
CA SER A 42 -7.51 3.77 -7.84
C SER A 42 -8.69 3.18 -7.09
N VAL A 43 -8.71 1.86 -7.00
CA VAL A 43 -9.81 1.11 -6.35
C VAL A 43 -9.18 -0.10 -5.66
N GLY A 44 -9.86 -0.58 -4.63
CA GLY A 44 -9.47 -1.83 -3.97
C GLY A 44 -8.00 -1.81 -3.59
N GLY A 45 -7.34 -2.96 -3.70
CA GLY A 45 -6.00 -3.19 -3.09
C GLY A 45 -4.95 -2.24 -3.65
N SER A 46 -5.15 -1.78 -4.89
CA SER A 46 -4.23 -0.83 -5.55
C SER A 46 -4.21 0.51 -4.83
N LEU A 47 -5.22 0.86 -4.02
CA LEU A 47 -5.11 2.11 -3.22
C LEU A 47 -4.04 2.02 -2.14
N ALA A 48 -3.69 0.84 -1.65
CA ALA A 48 -2.92 0.73 -0.38
C ALA A 48 -1.65 1.54 -0.46
N PRO A 49 -0.75 1.36 -1.47
CA PRO A 49 0.49 2.14 -1.51
C PRO A 49 0.22 3.63 -1.75
N MET A 50 -0.89 3.94 -2.43
CA MET A 50 -1.27 5.36 -2.65
C MET A 50 -1.66 5.99 -1.31
N MET A 51 -2.35 5.24 -0.46
CA MET A 51 -2.76 5.78 0.85
C MET A 51 -1.49 6.00 1.70
N ALA A 52 -0.50 5.11 1.63
CA ALA A 52 0.80 5.35 2.32
C ALA A 52 1.44 6.65 1.78
N ILE A 53 1.50 6.81 0.46
CA ILE A 53 2.10 8.04 -0.15
C ILE A 53 1.40 9.26 0.45
N ASN A 54 0.07 9.22 0.52
CA ASN A 54 -0.71 10.39 0.99
C ASN A 54 -0.28 10.70 2.43
N GLU A 55 -0.07 9.66 3.25
CA GLU A 55 0.32 9.85 4.66
C GLU A 55 1.73 10.44 4.74
N PHE A 56 2.63 10.00 3.87
CA PHE A 56 3.98 10.62 3.77
C PHE A 56 3.84 12.07 3.33
N ALA A 57 3.02 12.33 2.31
CA ALA A 57 2.86 13.69 1.75
C ALA A 57 2.38 14.64 2.85
N LYS A 58 1.54 14.19 3.77
CA LYS A 58 0.99 15.11 4.80
C LYS A 58 2.18 15.75 5.54
N GLU A 59 3.26 14.99 5.79
CA GLU A 59 4.40 15.50 6.58
C GLU A 59 5.46 16.15 5.69
N LEU A 60 5.62 15.70 4.45
CA LEU A 60 6.87 15.96 3.68
C LEU A 60 6.69 17.02 2.61
N THR A 61 5.47 17.35 2.16
CA THR A 61 5.36 18.33 1.03
C THR A 61 4.21 19.32 1.23
N THR A 62 4.41 20.54 0.74
CA THR A 62 3.32 21.52 0.54
C THR A 62 2.65 21.34 -0.83
N LEU A 63 3.09 20.41 -1.67
CA LEU A 63 2.42 20.13 -2.98
C LEU A 63 1.01 19.63 -2.69
N PRO A 64 0.02 19.93 -3.57
CA PRO A 64 -1.33 19.39 -3.43
C PRO A 64 -1.24 17.92 -3.87
N VAL A 65 -1.39 17.03 -2.92
CA VAL A 65 -1.41 15.56 -3.13
C VAL A 65 -2.71 15.00 -2.56
N TYR A 66 -3.38 14.16 -3.33
CA TYR A 66 -4.72 13.62 -3.01
C TYR A 66 -4.74 12.13 -3.37
N VAL A 67 -5.46 11.35 -2.59
CA VAL A 67 -5.81 9.96 -2.96
C VAL A 67 -7.31 9.89 -3.11
N GLU A 68 -7.78 9.32 -4.21
CA GLU A 68 -9.22 9.31 -4.49
C GLU A 68 -9.61 7.92 -4.96
N GLN A 69 -10.77 7.44 -4.51
CA GLN A 69 -11.49 6.25 -5.05
C GLN A 69 -11.93 6.63 -6.47
N ALA A 70 -11.43 5.90 -7.48
CA ALA A 70 -11.52 6.30 -8.90
C ALA A 70 -12.99 6.41 -9.32
N ALA A 71 -13.86 5.57 -8.78
CA ALA A 71 -15.30 5.60 -9.12
C ALA A 71 -15.98 6.83 -8.52
N GLU A 72 -15.62 7.21 -7.28
CA GLU A 72 -16.16 8.45 -6.70
C GLU A 72 -15.67 9.63 -7.53
N LEU A 73 -14.38 9.64 -7.90
CA LEU A 73 -13.77 10.80 -8.58
C LEU A 73 -14.44 11.04 -9.93
N ILE A 74 -14.73 9.97 -10.70
CA ILE A 74 -15.32 10.12 -12.05
C ILE A 74 -16.76 10.60 -11.93
N HIS A 75 -17.48 10.24 -10.87
CA HIS A 75 -18.88 10.71 -10.67
C HIS A 75 -18.89 12.16 -10.17
N LYS A 76 -17.99 12.55 -9.25
CA LYS A 76 -18.03 13.90 -8.62
C LYS A 76 -17.30 14.94 -9.44
N GLY A 77 -16.24 14.53 -10.16
CA GLY A 77 -15.15 15.47 -10.51
C GLY A 77 -14.57 16.08 -9.26
N ASN A 78 -13.70 17.07 -9.43
CA ASN A 78 -13.01 17.71 -8.29
C ASN A 78 -12.55 19.09 -8.77
N LYS A 79 -12.90 20.13 -8.01
CA LYS A 79 -12.56 21.52 -8.44
C LYS A 79 -11.03 21.75 -8.40
N ARG A 80 -10.26 20.94 -7.67
CA ARG A 80 -8.77 21.01 -7.64
C ARG A 80 -8.12 20.23 -8.78
N LEU A 81 -8.88 19.43 -9.48
CA LEU A 81 -8.38 18.66 -10.63
C LEU A 81 -8.60 19.52 -11.88
N ASN A 82 -7.52 19.92 -12.54
CA ASN A 82 -7.57 20.86 -13.69
C ASN A 82 -6.61 20.37 -14.77
N LYS A 83 -6.46 21.12 -15.87
CA LYS A 83 -5.68 20.64 -17.03
C LYS A 83 -4.20 20.62 -16.72
N ASP A 84 -3.78 21.18 -15.59
CA ASP A 84 -2.37 21.10 -15.13
C ASP A 84 -2.17 19.92 -14.15
N SER A 85 -3.23 19.21 -13.76
CA SER A 85 -3.06 18.09 -12.79
C SER A 85 -2.34 16.91 -13.43
N VAL A 86 -1.81 16.02 -12.59
CA VAL A 86 -1.39 14.67 -13.09
C VAL A 86 -2.14 13.64 -12.23
N VAL A 87 -2.76 12.67 -12.90
CA VAL A 87 -3.49 11.56 -12.24
C VAL A 87 -2.66 10.30 -12.36
N ILE A 88 -2.39 9.65 -11.23
CA ILE A 88 -1.53 8.45 -11.20
C ILE A 88 -2.43 7.25 -10.91
N THR A 89 -2.30 6.22 -11.73
CA THR A 89 -3.14 5.00 -11.68
C THR A 89 -2.24 3.78 -11.61
N LEU A 90 -2.77 2.70 -11.06
CA LEU A 90 -2.07 1.42 -10.91
C LEU A 90 -3.09 0.31 -11.09
N SER A 91 -2.74 -0.64 -11.95
CA SER A 91 -3.53 -1.84 -12.28
C SER A 91 -2.55 -2.94 -12.71
N LYS A 92 -2.49 -4.06 -12.00
CA LYS A 92 -1.60 -5.18 -12.42
C LYS A 92 -1.95 -5.58 -13.86
N SER A 93 -3.22 -5.90 -14.09
CA SER A 93 -3.76 -6.31 -15.42
C SER A 93 -3.73 -5.14 -16.41
N GLY A 94 -3.99 -3.92 -15.96
CA GLY A 94 -4.22 -2.78 -16.87
C GLY A 94 -5.61 -2.76 -17.48
N ASP A 95 -6.51 -3.64 -17.00
CA ASP A 95 -7.91 -3.76 -17.45
C ASP A 95 -8.90 -3.32 -16.37
N THR A 96 -8.47 -3.12 -15.13
CA THR A 96 -9.42 -2.78 -14.05
C THR A 96 -10.35 -1.65 -14.50
N LYS A 97 -11.66 -1.92 -14.59
CA LYS A 97 -12.66 -1.04 -15.25
C LYS A 97 -12.55 0.39 -14.74
N GLU A 98 -12.57 0.58 -13.42
CA GLU A 98 -12.63 1.96 -12.84
C GLU A 98 -11.37 2.76 -13.14
N SER A 99 -10.22 2.10 -13.18
CA SER A 99 -8.91 2.73 -13.45
C SER A 99 -8.81 3.10 -14.94
N VAL A 100 -9.22 2.20 -15.84
CA VAL A 100 -9.31 2.52 -17.29
C VAL A 100 -10.27 3.70 -17.44
N ALA A 101 -11.39 3.68 -16.74
CA ALA A 101 -12.42 4.71 -16.91
C ALA A 101 -11.87 6.07 -16.51
N ILE A 102 -11.16 6.14 -15.37
CA ILE A 102 -10.69 7.46 -14.89
C ILE A 102 -9.56 7.92 -15.84
N ALA A 103 -8.74 7.01 -16.34
CA ALA A 103 -7.65 7.42 -17.26
C ALA A 103 -8.25 7.98 -18.57
N GLU A 104 -9.25 7.32 -19.11
CA GLU A 104 -9.85 7.73 -20.42
C GLU A 104 -10.61 9.06 -20.20
N TRP A 105 -11.24 9.22 -19.04
CA TRP A 105 -11.93 10.48 -18.66
C TRP A 105 -10.93 11.64 -18.55
N CYS A 106 -9.76 11.41 -17.95
CA CYS A 106 -8.69 12.45 -17.86
C CYS A 106 -8.24 12.80 -19.28
N LYS A 107 -8.01 11.79 -20.08
CA LYS A 107 -7.44 11.95 -21.45
C LYS A 107 -8.40 12.85 -22.24
N ALA A 108 -9.70 12.54 -22.18
CA ALA A 108 -10.79 13.32 -22.84
C ALA A 108 -10.76 14.79 -22.39
N GLN A 109 -10.30 15.06 -21.18
CA GLN A 109 -10.22 16.44 -20.64
C GLN A 109 -8.82 17.05 -20.78
N GLY A 110 -7.85 16.35 -21.37
CA GLY A 110 -6.48 16.85 -21.53
C GLY A 110 -5.78 16.89 -20.19
N ILE A 111 -6.11 15.96 -19.29
CA ILE A 111 -5.41 15.78 -17.99
C ILE A 111 -4.43 14.61 -18.13
N ARG A 112 -3.17 14.90 -17.85
CA ARG A 112 -2.07 13.94 -18.01
C ARG A 112 -2.23 12.81 -16.98
N VAL A 113 -1.89 11.62 -17.39
CA VAL A 113 -2.06 10.35 -16.62
C VAL A 113 -0.76 9.57 -16.58
N VAL A 114 -0.42 9.07 -15.42
CA VAL A 114 0.66 8.07 -15.24
C VAL A 114 -0.05 6.74 -15.02
N ALA A 115 0.40 5.68 -15.70
CA ALA A 115 -0.13 4.32 -15.45
C ALA A 115 1.02 3.39 -15.08
N ILE A 116 0.87 2.66 -13.98
CA ILE A 116 1.73 1.54 -13.59
C ILE A 116 0.96 0.26 -13.86
N THR A 117 1.41 -0.52 -14.83
CA THR A 117 0.78 -1.83 -15.15
C THR A 117 1.82 -2.76 -15.74
N LYS A 118 1.53 -4.05 -15.76
CA LYS A 118 2.43 -5.10 -16.30
C LYS A 118 2.16 -5.32 -17.80
N ASN A 119 1.45 -4.41 -18.49
CA ASN A 119 1.21 -4.55 -19.96
C ASN A 119 0.97 -3.21 -20.66
N ALA A 120 1.97 -2.79 -21.45
CA ALA A 120 2.00 -1.51 -22.19
C ALA A 120 0.94 -1.44 -23.29
N ASP A 121 0.27 -2.52 -23.66
CA ASP A 121 -0.83 -2.37 -24.65
C ASP A 121 -2.16 -2.61 -23.94
N SER A 122 -2.17 -2.66 -22.61
CA SER A 122 -3.42 -2.66 -21.83
C SER A 122 -4.18 -1.36 -22.14
N PRO A 123 -5.52 -1.35 -21.99
CA PRO A 123 -6.28 -0.12 -22.11
C PRO A 123 -5.80 1.00 -21.17
N LEU A 124 -5.48 0.64 -19.92
CA LEU A 124 -4.97 1.70 -18.99
C LEU A 124 -3.70 2.31 -19.61
N ALA A 125 -2.74 1.49 -20.05
CA ALA A 125 -1.43 2.00 -20.57
C ALA A 125 -1.66 2.84 -21.81
N GLN A 126 -2.60 2.47 -22.68
CA GLN A 126 -2.90 3.23 -23.93
C GLN A 126 -3.57 4.57 -23.61
N ALA A 127 -4.23 4.73 -22.46
CA ALA A 127 -4.88 5.99 -22.06
C ALA A 127 -3.87 6.96 -21.41
N ALA A 128 -2.64 6.50 -21.14
CA ALA A 128 -1.71 7.19 -20.21
C ALA A 128 -0.71 8.05 -20.98
N THR A 129 -0.29 9.15 -20.37
CA THR A 129 0.79 10.01 -20.85
C THR A 129 2.13 9.32 -20.58
N TRP A 130 2.27 8.75 -19.39
CA TRP A 130 3.48 8.00 -19.00
C TRP A 130 3.09 6.61 -18.56
N HIS A 131 3.75 5.58 -19.07
CA HIS A 131 3.58 4.17 -18.63
C HIS A 131 4.85 3.74 -17.89
N ILE A 132 4.72 3.28 -16.66
CA ILE A 132 5.82 2.67 -15.89
C ILE A 132 5.54 1.17 -15.81
N PRO A 133 6.27 0.34 -16.57
CA PRO A 133 6.00 -1.09 -16.62
C PRO A 133 6.29 -1.80 -15.29
N MET A 134 5.47 -2.79 -14.96
CA MET A 134 5.78 -3.86 -13.97
C MET A 134 6.04 -5.15 -14.76
N ARG A 135 6.94 -6.01 -14.29
CA ARG A 135 7.26 -7.31 -14.96
C ARG A 135 6.33 -8.37 -14.37
N HIS A 136 5.84 -9.30 -15.21
CA HIS A 136 4.91 -10.41 -14.85
C HIS A 136 5.26 -10.97 -13.45
N LYS A 137 6.55 -11.22 -13.18
CA LYS A 137 7.01 -11.92 -11.95
C LYS A 137 6.98 -10.97 -10.73
N ASN A 138 6.61 -9.69 -10.91
CA ASN A 138 6.80 -8.71 -9.81
C ASN A 138 5.64 -8.85 -8.82
N GLY A 139 5.99 -9.10 -7.55
CA GLY A 139 5.07 -9.10 -6.40
C GLY A 139 4.72 -7.69 -5.94
N VAL A 140 4.01 -7.60 -4.82
CA VAL A 140 3.33 -6.35 -4.39
C VAL A 140 4.37 -5.30 -4.00
N GLU A 141 5.58 -5.73 -3.63
CA GLU A 141 6.60 -4.75 -3.17
C GLU A 141 6.93 -3.77 -4.31
N TYR A 142 6.81 -4.22 -5.56
CA TYR A 142 7.13 -3.41 -6.75
C TYR A 142 6.09 -2.30 -6.92
N GLU A 143 4.89 -2.45 -6.38
CA GLU A 143 3.84 -1.41 -6.51
C GLU A 143 4.29 -0.27 -5.62
N TYR A 144 4.80 -0.60 -4.44
CA TYR A 144 5.34 0.42 -3.51
C TYR A 144 6.62 1.01 -4.08
N MET A 145 7.54 0.19 -4.57
CA MET A 145 8.88 0.69 -4.97
C MET A 145 8.72 1.65 -6.14
N LEU A 146 7.88 1.32 -7.13
CA LEU A 146 7.70 2.17 -8.31
C LEU A 146 7.01 3.47 -7.90
N LEU A 147 5.98 3.40 -7.05
CA LEU A 147 5.30 4.63 -6.59
C LEU A 147 6.24 5.44 -5.71
N TYR A 148 7.13 4.80 -4.97
CA TYR A 148 8.08 5.51 -4.09
C TYR A 148 9.10 6.28 -4.94
N TRP A 149 9.73 5.60 -5.91
CA TRP A 149 10.68 6.30 -6.82
C TRP A 149 9.97 7.46 -7.50
N LEU A 150 8.77 7.24 -8.00
CA LEU A 150 8.04 8.33 -8.66
C LEU A 150 7.79 9.50 -7.70
N PHE A 151 7.18 9.25 -6.56
CA PHE A 151 6.72 10.34 -5.67
C PHE A 151 7.95 11.00 -5.03
N PHE A 152 8.89 10.22 -4.49
CA PHE A 152 10.03 10.80 -3.75
C PHE A 152 10.92 11.58 -4.72
N ARG A 153 11.03 11.14 -5.99
CA ARG A 153 11.84 11.90 -6.99
C ARG A 153 11.19 13.26 -7.28
N VAL A 154 9.87 13.32 -7.38
CA VAL A 154 9.18 14.62 -7.47
C VAL A 154 9.58 15.45 -6.24
N LEU A 155 9.55 14.87 -5.02
CA LEU A 155 9.83 15.70 -3.82
C LEU A 155 11.28 16.17 -3.89
N SER A 156 12.16 15.30 -4.35
CA SER A 156 13.60 15.59 -4.52
C SER A 156 13.79 16.83 -5.41
N ARG A 157 13.19 16.81 -6.59
CA ARG A 157 13.21 17.92 -7.58
C ARG A 157 12.60 19.17 -6.98
N ASN A 158 11.65 19.04 -6.05
CA ASN A 158 10.94 20.18 -5.44
C ASN A 158 11.67 20.65 -4.17
N ASN A 159 12.84 20.11 -3.91
CA ASN A 159 13.72 20.54 -2.78
C ASN A 159 13.03 20.21 -1.46
N GLU A 160 12.33 19.07 -1.39
CA GLU A 160 11.62 18.63 -0.16
C GLU A 160 12.08 17.24 0.25
N PHE A 161 13.13 16.70 -0.34
CA PHE A 161 13.62 15.35 0.03
C PHE A 161 15.13 15.23 -0.24
N THR A 162 15.91 15.82 0.64
CA THR A 162 17.36 16.05 0.40
C THR A 162 18.12 14.75 0.63
N SER A 163 17.47 13.73 1.20
CA SER A 163 18.03 12.37 1.34
C SER A 163 17.69 11.45 0.16
N TYR A 164 17.12 11.98 -0.94
CA TYR A 164 16.57 11.17 -2.04
C TYR A 164 17.62 10.17 -2.54
N ASP A 165 18.85 10.60 -2.80
CA ASP A 165 19.87 9.73 -3.42
C ASP A 165 20.06 8.44 -2.63
N ARG A 166 20.27 8.58 -1.34
CA ARG A 166 20.49 7.47 -0.39
C ARG A 166 19.20 6.66 -0.25
N PHE A 167 18.08 7.31 -0.01
CA PHE A 167 16.77 6.63 0.01
C PHE A 167 16.60 5.76 -1.23
N ALA A 168 16.77 6.35 -2.40
CA ALA A 168 16.42 5.69 -3.68
C ALA A 168 17.36 4.51 -3.95
N SER A 169 18.64 4.63 -3.55
CA SER A 169 19.63 3.53 -3.69
C SER A 169 19.30 2.39 -2.71
N GLN A 170 18.94 2.75 -1.48
CA GLN A 170 18.63 1.76 -0.40
C GLN A 170 17.32 1.05 -0.74
N LEU A 171 16.40 1.72 -1.46
CA LEU A 171 15.15 1.06 -1.86
C LEU A 171 15.49 -0.14 -2.77
N GLU A 172 16.62 -0.09 -3.52
CA GLU A 172 17.07 -1.18 -4.44
C GLU A 172 17.33 -2.48 -3.65
N ILE A 173 17.66 -2.37 -2.36
CA ILE A 173 18.01 -3.58 -1.57
C ILE A 173 16.84 -4.00 -0.67
N LEU A 174 15.69 -3.35 -0.84
CA LEU A 174 14.51 -3.75 -0.02
C LEU A 174 14.08 -5.17 -0.37
N THR A 175 14.02 -5.55 -1.64
CA THR A 175 13.62 -6.90 -2.09
C THR A 175 14.39 -8.02 -1.36
N ALA A 176 15.71 -7.89 -1.21
CA ALA A 176 16.56 -8.89 -0.51
C ALA A 176 16.11 -8.98 0.95
N ASN A 177 15.88 -7.83 1.56
CA ASN A 177 15.47 -7.73 2.97
C ASN A 177 14.07 -8.34 3.13
N LEU A 178 13.20 -8.20 2.12
CA LEU A 178 11.80 -8.72 2.22
C LEU A 178 11.81 -10.25 2.17
N LEU A 179 12.64 -10.84 1.34
CA LEU A 179 12.79 -12.31 1.29
C LEU A 179 13.15 -12.83 2.69
N LYS A 180 14.13 -12.23 3.34
CA LYS A 180 14.56 -12.60 4.72
C LYS A 180 13.41 -12.39 5.70
N ALA A 181 12.71 -11.27 5.61
CA ALA A 181 11.59 -10.96 6.53
C ALA A 181 10.53 -12.06 6.39
N LYS A 182 10.20 -12.47 5.17
CA LYS A 182 9.11 -13.43 4.93
C LYS A 182 9.47 -14.78 5.59
N GLN A 183 10.72 -15.17 5.50
CA GLN A 183 11.22 -16.43 6.12
C GLN A 183 11.11 -16.30 7.64
N LYS A 184 11.47 -15.14 8.19
CA LYS A 184 11.41 -14.93 9.64
C LYS A 184 9.96 -14.94 10.12
N PHE A 185 9.05 -14.32 9.34
CA PHE A 185 7.60 -14.22 9.67
C PHE A 185 6.89 -15.56 9.57
N ASP A 186 7.37 -16.49 8.74
CA ASP A 186 6.65 -17.74 8.37
C ASP A 186 6.08 -18.49 9.59
N PRO A 187 6.84 -18.72 10.68
CA PRO A 187 6.27 -19.41 11.83
C PRO A 187 5.11 -18.70 12.52
N GLN A 188 5.22 -17.38 12.71
CA GLN A 188 4.11 -16.57 13.24
C GLN A 188 2.92 -16.63 12.26
N ALA A 189 3.15 -16.48 10.97
CA ALA A 189 2.06 -16.56 9.96
C ALA A 189 1.28 -17.89 10.09
N ASP A 190 2.00 -19.01 10.22
CA ASP A 190 1.36 -20.33 10.34
C ASP A 190 0.50 -20.32 11.60
N ALA A 191 1.01 -19.73 12.67
CA ALA A 191 0.31 -19.78 13.99
C ALA A 191 -0.94 -18.92 13.92
N ILE A 192 -0.84 -17.75 13.29
CA ILE A 192 -2.03 -16.87 13.12
C ILE A 192 -3.09 -17.64 12.34
N ALA A 193 -2.74 -18.22 11.19
CA ALA A 193 -3.68 -18.91 10.30
C ALA A 193 -4.26 -20.13 11.05
N SER A 194 -3.40 -20.85 11.77
CA SER A 194 -3.83 -22.07 12.49
C SER A 194 -4.97 -21.71 13.46
N ARG A 195 -4.81 -20.60 14.17
CA ARG A 195 -5.70 -20.24 15.30
C ARG A 195 -6.96 -19.57 14.77
N TYR A 196 -6.87 -18.75 13.73
CA TYR A 196 -7.99 -17.84 13.33
C TYR A 196 -8.63 -18.21 11.99
N HIS A 197 -8.17 -19.23 11.25
CA HIS A 197 -8.77 -19.54 9.92
C HIS A 197 -10.28 -19.82 10.07
N ASN A 198 -10.72 -20.29 11.24
CA ASN A 198 -12.14 -20.70 11.49
C ASN A 198 -12.84 -19.64 12.35
N SER A 199 -12.28 -18.44 12.44
CA SER A 199 -12.85 -17.33 13.24
C SER A 199 -14.12 -16.80 12.59
N ASP A 200 -15.14 -16.47 13.37
CA ASP A 200 -16.35 -15.87 12.81
C ASP A 200 -16.17 -14.35 12.67
N TYR A 201 -15.12 -13.75 13.25
CA TYR A 201 -15.01 -12.27 13.34
C TYR A 201 -13.64 -11.91 13.87
N MET A 202 -12.90 -11.15 13.10
CA MET A 202 -11.56 -10.66 13.49
C MET A 202 -11.54 -9.14 13.46
N MET A 203 -11.02 -8.50 14.49
CA MET A 203 -10.75 -7.05 14.42
C MET A 203 -9.35 -6.84 13.86
N TRP A 204 -9.19 -5.92 12.92
CA TRP A 204 -7.91 -5.61 12.23
C TRP A 204 -7.65 -4.13 12.47
N VAL A 205 -6.54 -3.79 13.11
CA VAL A 205 -6.26 -2.41 13.60
C VAL A 205 -4.88 -1.94 13.11
N GLY A 206 -4.84 -0.70 12.61
CA GLY A 206 -3.59 -0.04 12.27
C GLY A 206 -3.90 1.35 11.83
N GLY A 207 -2.91 2.16 11.46
CA GLY A 207 -3.29 3.50 11.02
C GLY A 207 -2.17 4.28 10.43
N ALA A 208 -2.53 5.48 9.96
CA ALA A 208 -1.62 6.42 9.30
C ALA A 208 -1.05 5.74 8.05
N GLU A 209 0.26 5.70 7.84
CA GLU A 209 0.88 5.08 6.65
C GLU A 209 0.62 3.56 6.61
N MET A 210 0.24 2.94 7.72
CA MET A 210 -0.06 1.48 7.74
C MET A 210 -1.54 1.20 7.41
N TRP A 211 -2.41 2.20 7.41
CA TRP A 211 -3.87 1.97 7.26
C TRP A 211 -4.15 1.23 5.96
N GLY A 212 -3.48 1.62 4.86
CA GLY A 212 -3.71 0.96 3.55
C GLY A 212 -3.48 -0.52 3.63
N GLU A 213 -2.43 -0.97 4.34
CA GLU A 213 -2.15 -2.43 4.47
C GLU A 213 -3.24 -3.13 5.30
N VAL A 214 -3.74 -2.51 6.34
CA VAL A 214 -4.80 -3.14 7.15
C VAL A 214 -6.07 -3.22 6.31
N TYR A 215 -6.36 -2.13 5.65
CA TYR A 215 -7.50 -2.00 4.69
C TYR A 215 -7.47 -3.11 3.64
N LEU A 216 -6.34 -3.23 2.96
CA LEU A 216 -6.05 -4.19 1.84
C LEU A 216 -6.20 -5.60 2.33
N PHE A 217 -5.48 -5.95 3.41
CA PHE A 217 -5.43 -7.34 3.88
C PHE A 217 -6.83 -7.78 4.32
N SER A 218 -7.49 -6.92 5.08
CA SER A 218 -8.81 -7.24 5.62
C SER A 218 -9.78 -7.46 4.45
N MET A 219 -9.93 -6.50 3.55
CA MET A 219 -11.04 -6.61 2.57
C MET A 219 -10.59 -7.44 1.35
N CYS A 220 -9.41 -7.16 0.80
CA CYS A 220 -9.01 -7.74 -0.51
C CYS A 220 -8.53 -9.17 -0.34
N ILE A 221 -8.02 -9.56 0.81
CA ILE A 221 -7.52 -10.96 1.03
C ILE A 221 -8.50 -11.69 1.93
N LEU A 222 -8.69 -11.27 3.19
CA LEU A 222 -9.46 -12.12 4.13
C LEU A 222 -10.93 -12.17 3.73
N GLU A 223 -11.55 -11.05 3.37
CA GLU A 223 -12.99 -11.06 3.01
C GLU A 223 -13.15 -11.65 1.61
N GLU A 224 -12.53 -11.05 0.63
CA GLU A 224 -12.74 -11.43 -0.77
C GLU A 224 -12.25 -12.86 -1.03
N MET A 225 -11.05 -13.19 -0.59
CA MET A 225 -10.35 -14.45 -1.02
C MET A 225 -10.44 -15.56 0.02
N GLN A 226 -10.97 -15.30 1.22
CA GLN A 226 -11.11 -16.36 2.27
C GLN A 226 -12.48 -16.30 2.96
N TRP A 227 -13.34 -15.34 2.59
CA TRP A 227 -14.71 -15.19 3.16
C TRP A 227 -14.68 -15.09 4.69
N LYS A 228 -13.66 -14.45 5.23
CA LYS A 228 -13.53 -14.21 6.70
C LYS A 228 -14.14 -12.84 6.99
N ARG A 229 -15.01 -12.76 7.98
CA ARG A 229 -15.56 -11.48 8.46
C ARG A 229 -14.52 -10.70 9.25
N THR A 230 -14.31 -9.43 8.88
CA THR A 230 -13.35 -8.56 9.59
C THR A 230 -14.01 -7.25 9.99
N ARG A 231 -13.39 -6.59 10.96
CA ARG A 231 -13.67 -5.18 11.26
C ARG A 231 -12.34 -4.45 11.20
N PRO A 232 -11.98 -3.85 10.04
CA PRO A 232 -10.81 -3.00 10.03
C PRO A 232 -11.16 -1.61 10.59
N VAL A 233 -10.33 -1.12 11.46
CA VAL A 233 -10.56 0.19 12.13
C VAL A 233 -9.20 0.80 12.42
N SER A 234 -9.07 2.12 12.32
CA SER A 234 -7.75 2.78 12.58
C SER A 234 -7.42 2.71 14.08
N SER A 235 -6.14 2.73 14.41
CA SER A 235 -5.68 2.75 15.83
C SER A 235 -6.31 3.96 16.54
N ALA A 236 -6.30 5.12 15.90
CA ALA A 236 -6.79 6.37 16.57
C ALA A 236 -8.29 6.21 16.86
N GLU A 237 -9.04 5.71 15.87
CA GLU A 237 -10.51 5.72 15.98
C GLU A 237 -11.03 4.52 16.77
N PHE A 238 -10.21 3.50 16.96
CA PHE A 238 -10.55 2.31 17.79
C PHE A 238 -11.18 2.78 19.12
N PHE A 239 -10.63 3.84 19.69
CA PHE A 239 -10.95 4.30 21.07
C PHE A 239 -12.23 5.16 21.03
N HIS A 240 -12.86 5.32 19.87
CA HIS A 240 -14.11 6.14 19.69
C HIS A 240 -15.31 5.27 19.38
N GLY A 241 -15.24 3.96 19.64
CA GLY A 241 -16.43 3.10 19.72
C GLY A 241 -16.14 1.63 19.53
N ALA A 242 -15.33 1.27 18.53
CA ALA A 242 -15.07 -0.14 18.22
C ALA A 242 -14.51 -0.88 19.44
N LEU A 243 -13.79 -0.19 20.33
CA LEU A 243 -13.18 -0.85 21.53
C LEU A 243 -14.25 -1.62 22.33
N GLU A 244 -15.49 -1.13 22.33
CA GLU A 244 -16.57 -1.79 23.13
C GLU A 244 -16.87 -3.22 22.69
N LEU A 245 -16.45 -3.61 21.49
CA LEU A 245 -16.71 -4.96 20.95
C LEU A 245 -15.65 -5.93 21.45
N LEU A 246 -14.52 -5.44 21.92
CA LEU A 246 -13.42 -6.33 22.32
C LEU A 246 -13.81 -7.09 23.59
N GLU A 247 -13.58 -8.40 23.59
CA GLU A 247 -13.69 -9.22 24.82
C GLU A 247 -12.76 -10.43 24.70
N LYS A 248 -12.75 -11.26 25.73
CA LYS A 248 -11.72 -12.33 25.92
C LYS A 248 -11.49 -13.09 24.63
N ASP A 249 -12.56 -13.46 23.96
CA ASP A 249 -12.46 -14.41 22.83
C ASP A 249 -12.35 -13.70 21.48
N VAL A 250 -12.31 -12.37 21.44
CA VAL A 250 -12.30 -11.64 20.15
C VAL A 250 -10.87 -11.48 19.64
N PRO A 251 -10.56 -11.97 18.42
CA PRO A 251 -9.25 -11.72 17.81
C PRO A 251 -9.05 -10.25 17.44
N LEU A 252 -7.89 -9.70 17.79
CA LEU A 252 -7.49 -8.36 17.37
C LEU A 252 -6.11 -8.50 16.78
N ILE A 253 -5.97 -8.29 15.47
CA ILE A 253 -4.64 -8.24 14.82
C ILE A 253 -4.24 -6.78 14.66
N LEU A 254 -3.15 -6.38 15.32
CA LEU A 254 -2.64 -5.00 15.34
C LEU A 254 -1.42 -4.92 14.46
N VAL A 255 -1.48 -4.04 13.47
CA VAL A 255 -0.33 -3.77 12.58
C VAL A 255 0.26 -2.43 13.03
N LYS A 256 1.51 -2.44 13.49
CA LYS A 256 2.20 -1.23 14.00
C LYS A 256 2.91 -0.51 12.88
N GLY A 257 3.01 0.80 13.03
CA GLY A 257 3.84 1.66 12.18
C GLY A 257 5.18 1.94 12.83
N GLU A 258 6.09 2.56 12.08
CA GLU A 258 7.38 3.01 12.64
C GLU A 258 7.48 4.53 12.47
N GLY A 259 6.38 5.24 12.29
CA GLY A 259 6.42 6.70 12.22
C GLY A 259 5.85 7.33 13.49
N LYS A 260 5.35 8.55 13.33
CA LYS A 260 4.92 9.38 14.48
C LYS A 260 3.66 8.86 15.10
N CYS A 261 2.92 7.95 14.43
CA CYS A 261 1.65 7.41 14.95
C CYS A 261 1.88 6.06 15.63
N ARG A 262 3.13 5.59 15.77
CA ARG A 262 3.41 4.31 16.46
C ARG A 262 2.79 4.38 17.86
N ALA A 263 2.93 5.49 18.58
CA ALA A 263 2.34 5.71 19.91
C ALA A 263 0.84 5.38 19.91
N LEU A 264 0.12 5.74 18.85
CA LEU A 264 -1.34 5.44 18.75
C LEU A 264 -1.55 3.91 18.64
N ASP A 265 -0.69 3.24 17.90
CA ASP A 265 -0.76 1.76 17.79
C ASP A 265 -0.48 1.11 19.15
N GLU A 266 0.50 1.62 19.88
CA GLU A 266 0.89 1.06 21.19
C GLU A 266 -0.24 1.23 22.19
N ARG A 267 -1.02 2.31 22.11
CA ARG A 267 -2.19 2.44 23.01
C ARG A 267 -3.17 1.28 22.78
N VAL A 268 -3.40 0.92 21.52
CA VAL A 268 -4.26 -0.22 21.18
C VAL A 268 -3.68 -1.48 21.80
N GLU A 269 -2.38 -1.70 21.60
CA GLU A 269 -1.68 -2.91 22.12
C GLU A 269 -1.90 -3.04 23.63
N ARG A 270 -1.69 -1.96 24.37
CA ARG A 270 -1.75 -1.98 25.86
C ARG A 270 -3.19 -2.28 26.28
N PHE A 271 -4.19 -1.65 25.65
CA PHE A 271 -5.62 -1.90 25.98
C PHE A 271 -5.97 -3.36 25.65
N ALA A 272 -5.72 -3.78 24.40
CA ALA A 272 -6.14 -5.12 23.93
C ALA A 272 -5.46 -6.20 24.77
N SER A 273 -4.22 -5.97 25.19
CA SER A 273 -3.45 -7.03 25.90
C SER A 273 -4.13 -7.36 27.24
N LYS A 274 -4.85 -6.40 27.81
CA LYS A 274 -5.57 -6.55 29.10
C LYS A 274 -6.92 -7.25 28.89
N ILE A 275 -7.49 -7.20 27.69
CA ILE A 275 -8.93 -7.54 27.47
C ILE A 275 -9.03 -8.87 26.69
N THR A 276 -8.28 -9.03 25.61
CA THR A 276 -8.42 -10.24 24.77
C THR A 276 -7.25 -11.18 25.01
N ASP A 277 -7.54 -12.46 24.92
CA ASP A 277 -6.57 -13.57 24.91
C ASP A 277 -6.09 -13.78 23.47
N ASN A 278 -6.56 -12.96 22.52
CA ASN A 278 -6.38 -13.24 21.07
C ASN A 278 -5.79 -12.00 20.39
N LEU A 279 -4.83 -11.39 21.03
CA LEU A 279 -4.06 -10.25 20.46
C LEU A 279 -2.93 -10.82 19.60
N VAL A 280 -2.85 -10.38 18.36
CA VAL A 280 -1.70 -10.63 17.46
C VAL A 280 -1.08 -9.29 17.12
N VAL A 281 0.25 -9.21 17.22
CA VAL A 281 0.98 -7.98 16.83
C VAL A 281 1.87 -8.31 15.64
N ILE A 282 1.70 -7.54 14.57
CA ILE A 282 2.54 -7.57 13.35
C ILE A 282 3.28 -6.25 13.35
N ASP A 283 4.56 -6.35 13.73
CA ASP A 283 5.44 -5.18 13.93
C ASP A 283 6.61 -5.20 12.96
N PRO A 284 6.63 -4.31 11.95
CA PRO A 284 7.71 -4.30 10.99
C PRO A 284 9.04 -3.95 11.67
N LYS A 285 9.00 -3.29 12.83
CA LYS A 285 10.23 -2.97 13.61
C LYS A 285 10.97 -4.23 14.07
N ALA A 286 10.34 -5.39 14.08
CA ALA A 286 10.97 -6.69 14.44
C ALA A 286 11.88 -7.17 13.32
N TYR A 287 11.81 -6.61 12.10
CA TYR A 287 12.56 -7.12 10.92
C TYR A 287 13.70 -6.17 10.59
N ALA A 288 14.91 -6.74 10.54
CA ALA A 288 16.13 -6.01 10.10
C ALA A 288 15.97 -5.60 8.64
N LEU A 289 16.35 -4.36 8.29
CA LEU A 289 16.55 -3.92 6.88
C LEU A 289 18.03 -3.60 6.69
N ASP A 290 18.84 -4.63 6.42
CA ASP A 290 20.32 -4.50 6.31
C ASP A 290 20.61 -3.56 5.15
N GLY A 291 21.42 -2.53 5.42
CA GLY A 291 21.89 -1.60 4.38
C GLY A 291 20.89 -0.48 4.11
N ILE A 292 19.81 -0.41 4.89
CA ILE A 292 18.81 0.70 4.84
C ILE A 292 18.88 1.44 6.18
N ASP A 293 19.03 2.76 6.11
CA ASP A 293 19.22 3.66 7.28
C ASP A 293 17.90 3.73 8.03
N ASP A 294 17.98 3.80 9.35
CA ASP A 294 16.82 3.79 10.25
C ASP A 294 15.87 4.94 9.87
N GLU A 295 16.38 6.06 9.41
CA GLU A 295 15.52 7.24 9.10
C GLU A 295 14.50 6.92 7.98
N PHE A 296 14.69 5.87 7.19
CA PHE A 296 13.78 5.45 6.08
C PHE A 296 12.83 4.32 6.52
N ARG A 297 13.02 3.75 7.71
CA ARG A 297 12.18 2.60 8.15
C ARG A 297 10.69 2.98 8.15
N TRP A 298 10.31 4.19 8.50
CA TRP A 298 8.86 4.52 8.57
C TRP A 298 8.26 4.49 7.16
N ILE A 299 9.06 4.79 6.14
CA ILE A 299 8.64 4.75 4.72
C ILE A 299 8.59 3.29 4.24
N MET A 300 9.59 2.50 4.60
CA MET A 300 9.67 1.10 4.14
C MET A 300 8.55 0.27 4.78
N ALA A 301 8.14 0.61 6.00
CA ALA A 301 7.31 -0.27 6.86
C ALA A 301 6.05 -0.76 6.13
N PRO A 302 5.24 0.10 5.52
CA PRO A 302 4.04 -0.40 4.85
C PRO A 302 4.33 -1.43 3.75
N CYS A 303 5.42 -1.22 3.03
CA CYS A 303 5.91 -2.18 2.03
C CYS A 303 6.32 -3.51 2.71
N VAL A 304 7.04 -3.48 3.82
CA VAL A 304 7.42 -4.68 4.62
C VAL A 304 6.12 -5.45 4.97
N VAL A 305 5.17 -4.75 5.59
CA VAL A 305 3.94 -5.41 6.09
C VAL A 305 3.19 -5.96 4.87
N SER A 306 3.10 -5.19 3.79
CA SER A 306 2.28 -5.62 2.63
C SER A 306 2.83 -6.97 2.15
N THR A 307 4.15 -7.06 1.97
CA THR A 307 4.76 -8.30 1.44
C THR A 307 4.53 -9.45 2.43
N LEU A 308 4.65 -9.19 3.73
CA LEU A 308 4.42 -10.27 4.72
C LEU A 308 2.96 -10.76 4.62
N LEU A 309 2.00 -9.84 4.61
CA LEU A 309 0.56 -10.22 4.69
C LEU A 309 0.06 -10.82 3.36
N VAL A 310 0.32 -10.14 2.24
CA VAL A 310 -0.11 -10.56 0.87
C VAL A 310 0.63 -11.85 0.48
N ASP A 311 1.95 -11.90 0.65
CA ASP A 311 2.67 -13.15 0.27
C ASP A 311 2.33 -14.24 1.29
N ARG A 312 2.82 -14.10 2.51
CA ARG A 312 2.93 -15.24 3.43
C ARG A 312 1.59 -15.45 4.15
N LEU A 313 1.04 -14.43 4.83
CA LEU A 313 -0.14 -14.70 5.68
C LEU A 313 -1.28 -15.22 4.79
N ALA A 314 -1.48 -14.68 3.58
CA ALA A 314 -2.56 -15.15 2.69
C ALA A 314 -2.38 -16.67 2.47
N ALA A 315 -1.15 -17.09 2.20
CA ALA A 315 -0.86 -18.51 1.84
C ALA A 315 -1.15 -19.43 3.04
N HIS A 316 -0.82 -18.98 4.26
CA HIS A 316 -1.07 -19.80 5.46
C HIS A 316 -2.56 -19.90 5.76
N PHE A 317 -3.34 -18.82 5.57
CA PHE A 317 -4.81 -18.94 5.72
C PHE A 317 -5.35 -19.97 4.73
N GLU A 318 -4.94 -19.87 3.46
CA GLU A 318 -5.37 -20.77 2.36
C GLU A 318 -5.10 -22.24 2.74
N LYS A 319 -3.93 -22.53 3.29
CA LYS A 319 -3.53 -23.89 3.76
C LYS A 319 -4.57 -24.42 4.77
N TYR A 320 -4.96 -23.64 5.77
CA TYR A 320 -5.85 -24.06 6.87
C TYR A 320 -7.33 -24.05 6.45
N THR A 321 -7.77 -23.12 5.61
CA THR A 321 -9.20 -23.06 5.19
C THR A 321 -9.48 -24.15 4.16
N GLY A 322 -8.46 -24.50 3.38
CA GLY A 322 -8.64 -25.32 2.17
C GLY A 322 -9.35 -24.57 1.06
N HIS A 323 -9.54 -23.25 1.21
CA HIS A 323 -10.35 -22.42 0.28
C HIS A 323 -9.34 -21.69 -0.60
N SER A 324 -9.16 -22.13 -1.86
CA SER A 324 -8.28 -21.46 -2.84
C SER A 324 -8.52 -19.95 -2.82
N LEU A 325 -7.44 -19.20 -2.78
CA LEU A 325 -7.50 -17.73 -2.85
C LEU A 325 -8.09 -17.25 -4.18
N ASP A 326 -8.09 -18.09 -5.24
CA ASP A 326 -8.67 -17.79 -6.58
C ASP A 326 -10.21 -17.83 -6.55
N ILE A 327 -10.81 -18.48 -5.58
CA ILE A 327 -12.29 -18.62 -5.56
C ILE A 327 -12.96 -17.24 -5.44
N ARG A 328 -13.99 -17.01 -6.24
CA ARG A 328 -14.97 -15.93 -6.01
C ARG A 328 -16.36 -16.56 -6.08
N ARG A 329 -17.25 -16.24 -5.15
CA ARG A 329 -18.63 -16.72 -5.39
C ARG A 329 -19.38 -15.71 -6.25
N TYR A 330 -18.94 -14.46 -6.33
CA TYR A 330 -19.50 -13.43 -7.23
C TYR A 330 -18.37 -13.01 -8.18
C1 GOL B . 5.08 22.07 -9.07
O1 GOL B . 4.06 22.97 -8.72
C2 GOL B . 5.88 22.59 -10.25
O2 GOL B . 5.01 23.00 -11.30
C3 GOL B . 6.85 21.55 -10.80
O3 GOL B . 7.79 22.12 -11.70
#